data_4PQJ
#
_entry.id   4PQJ
#
_cell.length_a   67.500
_cell.length_b   151.350
_cell.length_c   108.980
_cell.angle_alpha   90.00
_cell.angle_beta   90.00
_cell.angle_gamma   90.00
#
_symmetry.space_group_name_H-M   'C 2 2 21'
#
loop_
_entity.id
_entity.type
_entity.pdbx_description
1 polymer 'Phosphate binding protein'
2 non-polymer 'PHOSPHATE ION'
3 water water
#
_entity_poly.entity_id   1
_entity_poly.type   'polypeptide(L)'
_entity_poly.pdbx_seq_one_letter_code
;AIDPALPEYQKASGVSGNLSSVGSDTLANLMTMWAEEYKRLYPNVNIQIQAAGSSTAPPALTEGTANLGPMSRKMKDVEL
QAFEQKYGYKPTAVPVAVDALAIFVHKDNPIKGLTMQQVDAIFSATRLCGSKQDVKTWGDLGLTGDWAKKPVQLFGRNSV
SGTYGYFKEEALCKGDFRPNVNEQPGSASVVQSVSQSLNGIGYSGIGYKTASVKTVALAKKEGAAFVEDNEQNALNGTYP
LSRFLYVYVNKAPNKPLDPLEAQFLKLVLSKTGQQVVVKDGYIPLPAKVAEKAIKELGL
;
_entity_poly.pdbx_strand_id   A,C
#
loop_
_chem_comp.id
_chem_comp.type
_chem_comp.name
_chem_comp.formula
PO4 non-polymer 'PHOSPHATE ION' 'O4 P -3'
#
# COMPACT_ATOMS: atom_id res chain seq x y z
N GLY A 14 -12.29 0.35 13.05
CA GLY A 14 -11.95 0.45 14.46
C GLY A 14 -10.50 0.87 14.62
N VAL A 15 -10.29 2.15 14.94
CA VAL A 15 -11.37 3.03 15.37
C VAL A 15 -11.89 3.86 14.21
N SER A 16 -11.08 4.13 13.19
CA SER A 16 -11.57 4.96 12.08
C SER A 16 -10.89 4.65 10.75
N GLY A 17 -11.65 4.87 9.68
CA GLY A 17 -11.15 4.55 8.35
C GLY A 17 -12.21 4.10 7.36
N ASN A 18 -11.77 3.38 6.35
CA ASN A 18 -12.64 2.91 5.29
C ASN A 18 -12.46 1.42 5.01
N LEU A 19 -13.55 0.68 5.04
CA LEU A 19 -13.50 -0.75 4.86
C LEU A 19 -14.18 -1.08 3.54
N SER A 20 -13.47 -1.73 2.62
CA SER A 20 -14.02 -2.05 1.30
C SER A 20 -14.10 -3.56 1.07
N SER A 21 -15.31 -4.04 0.83
CA SER A 21 -15.50 -5.45 0.56
C SER A 21 -15.94 -5.70 -0.89
N VAL A 22 -15.31 -6.69 -1.52
CA VAL A 22 -15.54 -7.03 -2.92
C VAL A 22 -15.56 -8.55 -3.09
N GLY A 23 -16.65 -9.09 -3.61
CA GLY A 23 -16.72 -10.51 -3.90
C GLY A 23 -18.10 -11.14 -3.91
N SER A 24 -18.20 -12.24 -3.18
CA SER A 24 -19.33 -13.15 -3.17
C SER A 24 -20.72 -12.56 -2.95
N ASP A 25 -21.65 -12.98 -3.81
CA ASP A 25 -23.05 -12.67 -3.61
C ASP A 25 -23.70 -13.63 -2.60
N THR A 26 -23.27 -14.89 -2.57
CA THR A 26 -23.72 -15.84 -1.54
C THR A 26 -23.60 -15.23 -0.15
N LEU A 27 -22.53 -14.45 0.04
CA LEU A 27 -22.24 -13.79 1.32
C LEU A 27 -22.71 -12.33 1.37
N ALA A 28 -23.49 -11.89 0.38
CA ALA A 28 -23.92 -10.50 0.32
C ALA A 28 -24.65 -10.03 1.59
N ASN A 29 -25.67 -10.75 2.03
CA ASN A 29 -26.44 -10.30 3.18
C ASN A 29 -25.72 -10.51 4.49
N LEU A 30 -24.83 -11.50 4.53
CA LEU A 30 -24.04 -11.71 5.73
C LEU A 30 -23.09 -10.55 5.95
N MET A 31 -22.39 -10.14 4.88
CA MET A 31 -21.46 -9.03 4.98
C MET A 31 -22.22 -7.78 5.36
N THR A 32 -23.45 -7.65 4.85
CA THR A 32 -24.21 -6.44 5.13
C THR A 32 -24.65 -6.38 6.59
N MET A 33 -25.13 -7.50 7.12
CA MET A 33 -25.59 -7.52 8.49
C MET A 33 -24.43 -7.39 9.46
N TRP A 34 -23.34 -8.08 9.17
CA TRP A 34 -22.09 -7.89 9.91
C TRP A 34 -21.64 -6.42 9.86
N ALA A 35 -21.73 -5.80 8.68
CA ALA A 35 -21.27 -4.42 8.52
C ALA A 35 -22.10 -3.42 9.34
N GLU A 36 -23.41 -3.64 9.36
CA GLU A 36 -24.33 -2.80 10.11
C GLU A 36 -24.00 -2.88 11.59
N GLU A 37 -23.82 -4.10 12.08
CA GLU A 37 -23.47 -4.25 13.48
C GLU A 37 -22.05 -3.66 13.74
N TYR A 38 -21.18 -3.71 12.74
CA TYR A 38 -19.83 -3.12 12.87
C TYR A 38 -19.91 -1.60 12.93
N LYS A 39 -20.73 -1.00 12.06
CA LYS A 39 -20.87 0.46 12.05
C LYS A 39 -21.51 0.99 13.32
N ARG A 40 -22.38 0.17 13.93
CA ARG A 40 -22.99 0.54 15.19
C ARG A 40 -21.93 0.65 16.28
N LEU A 41 -20.90 -0.21 16.21
CA LEU A 41 -19.91 -0.28 17.27
C LEU A 41 -18.67 0.52 16.96
N TYR A 42 -18.52 0.88 15.69
CA TYR A 42 -17.39 1.70 15.24
C TYR A 42 -17.89 2.77 14.28
N PRO A 43 -18.48 3.84 14.82
CA PRO A 43 -19.28 4.76 14.01
C PRO A 43 -18.46 5.67 13.09
N ASN A 44 -17.14 5.69 13.22
CA ASN A 44 -16.33 6.49 12.31
C ASN A 44 -15.77 5.67 11.14
N VAL A 45 -16.18 4.42 11.05
CA VAL A 45 -15.79 3.57 9.93
C VAL A 45 -16.85 3.51 8.83
N ASN A 46 -16.44 3.77 7.58
CA ASN A 46 -17.35 3.60 6.46
C ASN A 46 -17.11 2.29 5.73
N ILE A 47 -18.19 1.56 5.43
CA ILE A 47 -18.05 0.27 4.79
C ILE A 47 -18.72 0.24 3.42
N GLN A 48 -17.96 -0.19 2.42
CA GLN A 48 -18.51 -0.36 1.09
C GLN A 48 -18.58 -1.83 0.78
N ILE A 49 -19.70 -2.25 0.23
CA ILE A 49 -19.87 -3.65 -0.07
C ILE A 49 -20.28 -3.83 -1.51
N GLN A 50 -19.43 -4.61 -2.18
CA GLN A 50 -19.54 -5.08 -3.55
C GLN A 50 -19.76 -6.57 -3.65
N ALA A 51 -20.84 -6.96 -4.29
CA ALA A 51 -21.21 -8.37 -4.28
C ALA A 51 -21.66 -8.89 -5.65
N ALA A 52 -20.75 -8.89 -6.63
CA ALA A 52 -21.09 -9.41 -7.95
C ALA A 52 -20.68 -10.87 -8.14
N GLY A 53 -19.93 -11.44 -7.19
CA GLY A 53 -19.41 -12.78 -7.35
C GLY A 53 -17.96 -12.91 -6.92
N SER A 54 -17.62 -14.08 -6.40
CA SER A 54 -16.34 -14.36 -5.76
C SER A 54 -15.13 -14.01 -6.61
N SER A 55 -15.25 -14.20 -7.91
CA SER A 55 -14.13 -14.00 -8.82
C SER A 55 -13.66 -12.53 -8.87
N THR A 56 -14.50 -11.61 -8.40
CA THR A 56 -14.12 -10.21 -8.34
C THR A 56 -13.25 -9.88 -7.11
N ALA A 57 -13.25 -10.79 -6.14
CA ALA A 57 -12.48 -10.58 -4.92
C ALA A 57 -10.95 -10.60 -5.12
N PRO A 58 -10.40 -11.60 -5.82
CA PRO A 58 -8.93 -11.65 -5.88
C PRO A 58 -8.29 -10.43 -6.58
N PRO A 59 -8.76 -10.03 -7.79
CA PRO A 59 -8.08 -8.87 -8.37
C PRO A 59 -8.26 -7.57 -7.56
N ALA A 60 -9.39 -7.43 -6.86
CA ALA A 60 -9.64 -6.24 -6.02
C ALA A 60 -8.75 -6.25 -4.79
N LEU A 61 -8.59 -7.42 -4.19
CA LEU A 61 -7.63 -7.61 -3.11
C LEU A 61 -6.21 -7.30 -3.58
N THR A 62 -5.88 -7.82 -4.74
CA THR A 62 -4.51 -7.76 -5.22
C THR A 62 -4.11 -6.32 -5.56
N GLU A 63 -4.93 -5.68 -6.36
CA GLU A 63 -4.75 -4.29 -6.72
C GLU A 63 -4.88 -3.35 -5.50
N GLY A 64 -5.70 -3.72 -4.53
CA GLY A 64 -5.83 -2.95 -3.30
C GLY A 64 -7.12 -2.18 -3.08
N THR A 65 -8.09 -2.29 -3.97
CA THR A 65 -9.34 -1.56 -3.80
C THR A 65 -10.26 -2.19 -2.76
N ALA A 66 -9.93 -3.41 -2.34
CA ALA A 66 -10.68 -4.10 -1.28
C ALA A 66 -9.76 -4.51 -0.15
N ASN A 67 -10.23 -4.36 1.09
CA ASN A 67 -9.55 -4.93 2.27
C ASN A 67 -10.07 -6.32 2.61
N LEU A 68 -11.26 -6.62 2.11
CA LEU A 68 -11.96 -7.86 2.41
C LEU A 68 -12.49 -8.45 1.12
N GLY A 69 -12.22 -9.72 0.89
CA GLY A 69 -12.65 -10.42 -0.31
C GLY A 69 -13.44 -11.67 -0.03
N PRO A 70 -14.74 -11.54 0.28
CA PRO A 70 -15.64 -12.69 0.49
C PRO A 70 -15.68 -13.63 -0.73
N MET A 71 -15.46 -14.91 -0.51
CA MET A 71 -15.50 -15.89 -1.60
C MET A 71 -16.14 -17.17 -1.12
N SER A 72 -16.98 -17.77 -1.97
CA SER A 72 -17.67 -19.01 -1.62
C SER A 72 -16.95 -20.24 -2.18
N ARG A 73 -15.72 -20.02 -2.63
CA ARG A 73 -14.78 -21.07 -3.03
C ARG A 73 -13.40 -20.53 -2.72
N LYS A 74 -12.39 -21.39 -2.62
CA LYS A 74 -11.03 -20.93 -2.44
C LYS A 74 -10.47 -20.33 -3.73
N MET A 75 -9.46 -19.50 -3.58
CA MET A 75 -8.80 -18.94 -4.73
C MET A 75 -8.14 -20.00 -5.60
N LYS A 76 -8.27 -19.84 -6.91
CA LYS A 76 -7.55 -20.71 -7.84
C LYS A 76 -6.08 -20.34 -7.85
N ASP A 77 -5.25 -21.24 -8.37
CA ASP A 77 -3.80 -21.02 -8.37
C ASP A 77 -3.41 -19.72 -9.04
N VAL A 78 -4.00 -19.41 -10.18
CA VAL A 78 -3.62 -18.19 -10.89
C VAL A 78 -4.05 -16.93 -10.12
N GLU A 79 -5.08 -17.06 -9.29
CA GLU A 79 -5.49 -15.96 -8.43
C GLU A 79 -4.49 -15.82 -7.28
N LEU A 80 -4.11 -16.95 -6.69
CA LEU A 80 -3.12 -16.97 -5.62
C LEU A 80 -1.78 -16.40 -6.06
N GLN A 81 -1.31 -16.75 -7.25
CA GLN A 81 0.02 -16.28 -7.65
C GLN A 81 -0.02 -14.78 -7.97
N ALA A 82 -1.16 -14.29 -8.47
CA ALA A 82 -1.31 -12.86 -8.73
C ALA A 82 -1.12 -12.07 -7.43
N PHE A 83 -1.83 -12.49 -6.38
CA PHE A 83 -1.67 -11.84 -5.07
C PHE A 83 -0.21 -12.00 -4.62
N GLU A 84 0.36 -13.18 -4.83
CA GLU A 84 1.71 -13.44 -4.32
C GLU A 84 2.78 -12.59 -5.02
N GLN A 85 2.67 -12.45 -6.35
CA GLN A 85 3.66 -11.70 -7.10
C GLN A 85 3.75 -10.25 -6.63
N LYS A 86 2.64 -9.70 -6.16
CA LYS A 86 2.66 -8.35 -5.61
C LYS A 86 3.19 -8.31 -4.17
N TYR A 87 2.73 -9.21 -3.33
CA TYR A 87 2.92 -9.07 -1.88
C TYR A 87 4.03 -9.92 -1.28
N GLY A 88 4.37 -11.02 -1.95
CA GLY A 88 5.40 -11.91 -1.47
C GLY A 88 4.91 -13.04 -0.56
N TYR A 89 3.59 -13.15 -0.41
CA TYR A 89 2.98 -14.23 0.36
C TYR A 89 1.57 -14.45 -0.15
N LYS A 90 0.95 -15.55 0.26
CA LYS A 90 -0.41 -15.84 -0.16
C LYS A 90 -1.47 -15.15 0.70
N PRO A 91 -2.62 -14.80 0.10
CA PRO A 91 -3.67 -14.16 0.90
C PRO A 91 -4.29 -15.21 1.82
N THR A 92 -4.94 -14.77 2.89
CA THR A 92 -5.39 -15.67 3.95
C THR A 92 -6.88 -15.89 3.85
N ALA A 93 -7.28 -17.15 3.67
CA ALA A 93 -8.68 -17.54 3.64
C ALA A 93 -9.21 -17.73 5.06
N VAL A 94 -10.09 -16.81 5.49
CA VAL A 94 -10.70 -16.91 6.82
C VAL A 94 -12.07 -17.53 6.73
N PRO A 95 -12.28 -18.69 7.37
CA PRO A 95 -13.60 -19.32 7.29
C PRO A 95 -14.62 -18.52 8.11
N VAL A 96 -15.79 -18.20 7.57
CA VAL A 96 -16.75 -17.41 8.34
C VAL A 96 -18.13 -18.08 8.47
N ALA A 97 -18.39 -19.10 7.66
CA ALA A 97 -19.66 -19.82 7.74
C ALA A 97 -19.60 -21.11 6.95
N VAL A 98 -20.68 -21.88 7.03
CA VAL A 98 -20.81 -23.07 6.21
C VAL A 98 -22.09 -22.98 5.38
N ASP A 99 -21.97 -23.37 4.11
CA ASP A 99 -23.12 -23.43 3.22
C ASP A 99 -23.38 -24.87 2.83
N ALA A 100 -24.66 -25.23 2.87
CA ALA A 100 -25.16 -26.45 2.31
C ALA A 100 -25.73 -26.09 0.94
N LEU A 101 -24.85 -26.04 -0.08
CA LEU A 101 -25.22 -25.52 -1.39
C LEU A 101 -26.46 -26.27 -1.93
N ALA A 102 -27.52 -25.54 -2.24
CA ALA A 102 -28.81 -26.16 -2.38
C ALA A 102 -29.28 -26.31 -3.82
N ILE A 103 -30.07 -27.36 -4.06
CA ILE A 103 -30.79 -27.49 -5.32
C ILE A 103 -32.21 -27.00 -5.08
N PHE A 104 -32.62 -25.97 -5.81
CA PHE A 104 -33.97 -25.42 -5.63
C PHE A 104 -34.93 -25.80 -6.76
N VAL A 105 -36.15 -26.19 -6.38
CA VAL A 105 -37.21 -26.38 -7.36
C VAL A 105 -38.47 -25.65 -6.93
N HIS A 106 -39.37 -25.44 -7.91
CA HIS A 106 -40.66 -24.80 -7.67
C HIS A 106 -41.37 -25.50 -6.52
N LYS A 107 -42.09 -24.74 -5.70
CA LYS A 107 -42.68 -25.30 -4.49
C LYS A 107 -43.67 -26.43 -4.79
N ASP A 108 -44.28 -26.42 -5.98
CA ASP A 108 -45.25 -27.46 -6.32
C ASP A 108 -44.65 -28.68 -7.01
N ASN A 109 -43.34 -28.62 -7.27
CA ASN A 109 -42.63 -29.76 -7.86
C ASN A 109 -42.59 -30.89 -6.84
N PRO A 110 -43.12 -32.06 -7.20
CA PRO A 110 -43.21 -33.19 -6.28
C PRO A 110 -41.97 -34.06 -6.18
N ILE A 111 -40.84 -33.63 -6.76
CA ILE A 111 -39.64 -34.49 -6.77
C ILE A 111 -39.20 -34.83 -5.35
N LYS A 112 -38.93 -36.11 -5.11
CA LYS A 112 -38.62 -36.63 -3.79
C LYS A 112 -37.18 -36.34 -3.34
N GLY A 113 -36.25 -36.57 -4.25
CA GLY A 113 -34.85 -36.33 -4.00
C GLY A 113 -34.09 -36.53 -5.29
N LEU A 114 -32.78 -36.35 -5.24
CA LEU A 114 -31.91 -36.58 -6.39
C LEU A 114 -30.61 -37.19 -5.89
N THR A 115 -29.95 -37.97 -6.74
CA THR A 115 -28.58 -38.41 -6.49
C THR A 115 -27.61 -37.41 -7.12
N MET A 116 -26.36 -37.44 -6.69
CA MET A 116 -25.33 -36.61 -7.31
C MET A 116 -25.25 -36.90 -8.79
N GLN A 117 -25.31 -38.18 -9.11
CA GLN A 117 -25.34 -38.69 -10.48
C GLN A 117 -26.41 -37.97 -11.32
N GLN A 118 -27.61 -37.88 -10.77
CA GLN A 118 -28.73 -37.21 -11.42
C GLN A 118 -28.54 -35.71 -11.57
N VAL A 119 -28.11 -35.09 -10.48
CA VAL A 119 -27.86 -33.65 -10.46
C VAL A 119 -26.92 -33.33 -11.60
N ASP A 120 -25.86 -34.12 -11.67
CA ASP A 120 -24.90 -34.02 -12.75
C ASP A 120 -25.57 -34.21 -14.12
N ALA A 121 -26.43 -35.23 -14.23
CA ALA A 121 -27.13 -35.49 -15.49
C ALA A 121 -28.00 -34.28 -15.89
N ILE A 122 -28.57 -33.62 -14.90
CA ILE A 122 -29.48 -32.51 -15.13
C ILE A 122 -28.78 -31.25 -15.66
N PHE A 123 -27.66 -30.88 -15.04
CA PHE A 123 -27.02 -29.61 -15.34
C PHE A 123 -25.88 -29.66 -16.34
N SER A 124 -25.32 -30.85 -16.58
CA SER A 124 -24.06 -30.95 -17.30
C SER A 124 -24.11 -31.48 -18.74
N ALA A 125 -23.07 -31.11 -19.48
CA ALA A 125 -22.88 -31.52 -20.86
C ALA A 125 -22.39 -32.97 -20.95
N THR A 126 -21.50 -33.36 -20.03
CA THR A 126 -20.81 -34.63 -20.19
C THR A 126 -20.89 -35.62 -19.01
N ARG A 127 -21.72 -35.32 -18.02
CA ARG A 127 -21.98 -36.22 -16.88
C ARG A 127 -20.78 -37.03 -16.40
N LEU A 128 -19.72 -36.34 -16.03
CA LEU A 128 -18.49 -36.97 -15.57
C LEU A 128 -18.66 -37.77 -14.28
N CYS A 129 -19.79 -37.59 -13.60
CA CYS A 129 -20.03 -38.34 -12.37
C CYS A 129 -20.54 -39.76 -12.65
N GLY A 130 -20.68 -40.10 -13.93
CA GLY A 130 -20.94 -41.48 -14.31
C GLY A 130 -22.24 -41.85 -15.01
N SER A 131 -23.27 -41.02 -14.86
CA SER A 131 -24.59 -41.32 -15.40
C SER A 131 -24.57 -41.37 -16.94
N LYS A 132 -25.47 -42.18 -17.52
CA LYS A 132 -25.56 -42.29 -18.97
C LYS A 132 -26.90 -41.69 -19.42
N GLN A 133 -27.57 -41.06 -18.46
CA GLN A 133 -28.78 -40.27 -18.68
C GLN A 133 -28.52 -38.90 -19.31
N ASP A 134 -29.01 -38.64 -20.52
CA ASP A 134 -29.15 -37.25 -20.94
C ASP A 134 -30.54 -36.78 -20.53
N VAL A 135 -30.63 -36.17 -19.35
CA VAL A 135 -31.89 -35.65 -18.81
C VAL A 135 -32.37 -34.39 -19.52
N LYS A 136 -33.58 -34.43 -20.05
CA LYS A 136 -34.17 -33.22 -20.64
C LYS A 136 -35.54 -32.94 -20.06
N THR A 137 -36.22 -33.99 -19.62
CA THR A 137 -37.58 -33.83 -19.10
C THR A 137 -37.68 -34.35 -17.67
N TRP A 138 -38.69 -33.89 -16.96
CA TRP A 138 -38.89 -34.33 -15.59
C TRP A 138 -39.28 -35.81 -15.53
N GLY A 139 -39.77 -36.34 -16.65
CA GLY A 139 -39.99 -37.78 -16.77
C GLY A 139 -38.69 -38.55 -16.72
N ASP A 140 -37.65 -37.97 -17.31
CA ASP A 140 -36.31 -38.53 -17.24
C ASP A 140 -35.86 -38.64 -15.78
N LEU A 141 -36.55 -37.92 -14.89
CA LEU A 141 -36.27 -37.97 -13.45
C LEU A 141 -37.31 -38.81 -12.70
N GLY A 142 -38.27 -39.36 -13.44
CA GLY A 142 -39.24 -40.27 -12.86
C GLY A 142 -40.57 -39.69 -12.45
N LEU A 143 -40.81 -38.42 -12.78
CA LEU A 143 -42.11 -37.84 -12.47
C LEU A 143 -43.14 -38.25 -13.54
N THR A 144 -44.40 -38.40 -13.15
CA THR A 144 -45.40 -39.00 -14.02
C THR A 144 -46.53 -38.03 -14.34
N GLY A 145 -47.47 -38.47 -15.17
CA GLY A 145 -48.59 -37.61 -15.53
C GLY A 145 -48.17 -36.39 -16.33
N ASP A 146 -48.68 -35.24 -15.94
CA ASP A 146 -48.41 -33.98 -16.63
C ASP A 146 -46.94 -33.57 -16.58
N TRP A 147 -46.16 -34.20 -15.69
CA TRP A 147 -44.74 -33.90 -15.54
C TRP A 147 -43.81 -34.62 -16.53
N ALA A 148 -44.30 -35.68 -17.15
CA ALA A 148 -43.46 -36.65 -17.84
C ALA A 148 -42.60 -36.07 -18.98
N LYS A 149 -43.12 -35.18 -19.81
CA LYS A 149 -42.22 -34.55 -20.77
C LYS A 149 -42.33 -33.04 -20.75
N LYS A 150 -42.64 -32.51 -19.58
CA LYS A 150 -42.41 -31.10 -19.33
C LYS A 150 -40.88 -30.91 -19.28
N PRO A 151 -40.36 -29.91 -20.00
CA PRO A 151 -38.92 -29.66 -20.09
C PRO A 151 -38.29 -29.30 -18.73
N VAL A 152 -37.06 -29.74 -18.53
CA VAL A 152 -36.35 -29.28 -17.35
C VAL A 152 -35.69 -27.95 -17.70
N GLN A 153 -36.20 -26.87 -17.09
CA GLN A 153 -35.68 -25.55 -17.32
C GLN A 153 -34.60 -25.24 -16.31
N LEU A 154 -33.41 -24.90 -16.79
CA LEU A 154 -32.27 -24.72 -15.91
C LEU A 154 -32.05 -23.26 -15.63
N PHE A 155 -31.85 -22.97 -14.34
CA PHE A 155 -31.45 -21.64 -13.89
C PHE A 155 -30.18 -21.77 -13.06
N GLY A 156 -29.21 -20.91 -13.32
CA GLY A 156 -27.96 -20.94 -12.61
C GLY A 156 -27.33 -19.58 -12.48
N ARG A 157 -26.10 -19.57 -11.96
CA ARG A 157 -25.35 -18.36 -11.80
C ARG A 157 -24.47 -18.20 -13.03
N ASN A 158 -23.81 -17.06 -13.13
CA ASN A 158 -22.89 -16.80 -14.24
C ASN A 158 -21.50 -17.24 -13.84
N SER A 159 -20.51 -17.03 -14.72
CA SER A 159 -19.19 -17.62 -14.48
C SER A 159 -18.36 -16.84 -13.47
N VAL A 160 -18.85 -15.67 -13.07
CA VAL A 160 -18.15 -14.86 -12.07
C VAL A 160 -18.46 -15.40 -10.65
N SER A 161 -19.53 -16.19 -10.56
CA SER A 161 -19.96 -16.77 -9.30
C SER A 161 -18.99 -17.86 -8.84
N GLY A 162 -18.62 -17.80 -7.57
CA GLY A 162 -17.81 -18.85 -6.95
C GLY A 162 -18.62 -20.13 -6.83
N THR A 163 -19.93 -19.99 -6.59
CA THR A 163 -20.83 -21.13 -6.53
C THR A 163 -20.84 -21.86 -7.88
N TYR A 164 -20.84 -21.09 -8.96
CA TYR A 164 -20.74 -21.60 -10.33
C TYR A 164 -19.55 -22.54 -10.49
N GLY A 165 -18.38 -22.05 -10.09
CA GLY A 165 -17.14 -22.80 -10.19
C GLY A 165 -17.11 -23.99 -9.24
N TYR A 166 -17.52 -23.75 -7.99
CA TYR A 166 -17.63 -24.82 -6.99
C TYR A 166 -18.54 -25.95 -7.49
N PHE A 167 -19.72 -25.58 -7.97
CA PHE A 167 -20.71 -26.54 -8.52
C PHE A 167 -20.13 -27.32 -9.68
N LYS A 168 -19.41 -26.61 -10.54
CA LYS A 168 -18.79 -27.19 -11.73
C LYS A 168 -17.74 -28.23 -11.30
N GLU A 169 -17.00 -27.89 -10.26
CA GLU A 169 -15.97 -28.76 -9.72
C GLU A 169 -16.51 -29.98 -8.98
N GLU A 170 -17.47 -29.75 -8.09
CA GLU A 170 -17.95 -30.82 -7.21
C GLU A 170 -19.19 -31.56 -7.69
N ALA A 171 -20.18 -30.83 -8.22
CA ALA A 171 -21.45 -31.44 -8.62
C ALA A 171 -21.41 -31.99 -10.04
N LEU A 172 -20.50 -31.45 -10.85
CA LEU A 172 -20.33 -31.89 -12.23
C LEU A 172 -19.03 -32.63 -12.45
N CYS A 173 -18.30 -32.92 -11.37
CA CYS A 173 -17.01 -33.57 -11.45
C CYS A 173 -16.11 -32.88 -12.48
N LYS A 174 -16.00 -31.57 -12.37
CA LYS A 174 -15.17 -30.75 -13.25
C LYS A 174 -15.71 -30.71 -14.69
N GLY A 175 -16.95 -31.17 -14.88
CA GLY A 175 -17.55 -31.13 -16.19
C GLY A 175 -18.01 -29.73 -16.57
N ASP A 176 -18.70 -29.61 -17.68
CA ASP A 176 -19.23 -28.32 -18.12
C ASP A 176 -20.75 -28.29 -18.02
N PHE A 177 -21.32 -27.09 -17.80
CA PHE A 177 -22.76 -26.89 -17.80
C PHE A 177 -23.38 -27.15 -19.17
N ARG A 178 -24.61 -27.65 -19.20
CA ARG A 178 -25.41 -27.63 -20.41
C ARG A 178 -25.41 -26.23 -21.02
N PRO A 179 -25.48 -26.14 -22.36
CA PRO A 179 -25.51 -24.84 -23.04
C PRO A 179 -26.74 -23.98 -22.73
N ASN A 180 -27.84 -24.62 -22.35
CA ASN A 180 -29.12 -23.91 -22.20
C ASN A 180 -29.46 -23.38 -20.81
N VAL A 181 -28.47 -23.28 -19.92
CA VAL A 181 -28.71 -22.75 -18.57
C VAL A 181 -29.03 -21.26 -18.58
N ASN A 182 -30.15 -20.89 -17.97
CA ASN A 182 -30.53 -19.49 -17.82
C ASN A 182 -29.72 -18.87 -16.68
N GLU A 183 -28.62 -18.21 -17.03
CA GLU A 183 -27.76 -17.61 -16.03
C GLU A 183 -28.35 -16.32 -15.45
N GLN A 184 -28.41 -16.28 -14.12
CA GLN A 184 -28.96 -15.14 -13.40
C GLN A 184 -27.84 -14.28 -12.80
N PRO A 185 -28.15 -13.02 -12.48
CA PRO A 185 -27.04 -12.18 -12.02
C PRO A 185 -26.68 -12.42 -10.53
N GLY A 186 -27.54 -13.09 -9.78
CA GLY A 186 -27.27 -13.36 -8.39
C GLY A 186 -28.10 -14.53 -7.86
N SER A 187 -27.93 -14.86 -6.59
CA SER A 187 -28.57 -16.03 -6.04
C SER A 187 -30.06 -15.83 -5.84
N ALA A 188 -30.44 -14.62 -5.42
CA ALA A 188 -31.84 -14.27 -5.24
C ALA A 188 -32.59 -14.38 -6.58
N SER A 189 -31.94 -13.93 -7.65
CA SER A 189 -32.52 -14.04 -8.99
C SER A 189 -32.79 -15.46 -9.38
N VAL A 190 -31.85 -16.34 -9.03
CA VAL A 190 -32.02 -17.74 -9.31
C VAL A 190 -33.22 -18.29 -8.56
N VAL A 191 -33.33 -17.95 -7.28
CA VAL A 191 -34.44 -18.47 -6.49
C VAL A 191 -35.77 -17.91 -6.99
N GLN A 192 -35.79 -16.62 -7.31
CA GLN A 192 -36.99 -15.98 -7.87
C GLN A 192 -37.40 -16.61 -9.21
N SER A 193 -36.43 -16.81 -10.11
CA SER A 193 -36.66 -17.47 -11.40
C SER A 193 -37.29 -18.84 -11.22
N VAL A 194 -36.70 -19.64 -10.35
CA VAL A 194 -37.21 -20.99 -10.09
C VAL A 194 -38.61 -20.92 -9.46
N SER A 195 -38.82 -19.95 -8.57
CA SER A 195 -40.10 -19.84 -7.87
C SER A 195 -41.27 -19.52 -8.80
N GLN A 196 -40.97 -18.93 -9.95
CA GLN A 196 -41.99 -18.54 -10.94
C GLN A 196 -42.06 -19.52 -12.12
N SER A 197 -41.32 -20.62 -12.03
CA SER A 197 -41.29 -21.58 -13.13
C SER A 197 -41.51 -22.98 -12.59
N LEU A 198 -42.73 -23.47 -12.80
CA LEU A 198 -43.18 -24.76 -12.30
C LEU A 198 -42.21 -25.87 -12.66
N ASN A 199 -41.67 -25.78 -13.86
CA ASN A 199 -40.76 -26.79 -14.36
C ASN A 199 -39.29 -26.38 -14.21
N GLY A 200 -39.02 -25.43 -13.30
CA GLY A 200 -37.68 -24.89 -13.12
C GLY A 200 -36.84 -25.56 -12.04
N ILE A 201 -35.53 -25.46 -12.20
CA ILE A 201 -34.60 -25.98 -11.19
C ILE A 201 -33.37 -25.09 -11.19
N GLY A 202 -32.79 -24.87 -10.02
CA GLY A 202 -31.61 -24.02 -9.89
C GLY A 202 -30.71 -24.41 -8.73
N TYR A 203 -29.50 -23.86 -8.69
CA TYR A 203 -28.63 -24.04 -7.53
C TYR A 203 -28.26 -22.67 -6.94
N SER A 204 -28.05 -22.63 -5.61
CA SER A 204 -27.60 -21.43 -4.88
C SER A 204 -27.45 -21.70 -3.39
N GLY A 205 -26.81 -20.77 -2.68
CA GLY A 205 -26.67 -20.89 -1.22
C GLY A 205 -27.98 -21.15 -0.48
N ILE A 206 -27.91 -21.93 0.58
CA ILE A 206 -29.10 -22.33 1.34
C ILE A 206 -29.79 -21.11 1.96
N GLY A 207 -29.00 -20.11 2.32
CA GLY A 207 -29.54 -18.91 2.94
C GLY A 207 -30.52 -18.16 2.05
N TYR A 208 -30.47 -18.44 0.75
CA TYR A 208 -31.35 -17.77 -0.20
C TYR A 208 -32.70 -18.49 -0.33
N LYS A 209 -32.91 -19.54 0.46
CA LYS A 209 -34.18 -20.24 0.44
C LYS A 209 -35.32 -19.31 0.85
N THR A 210 -36.47 -19.46 0.18
CA THR A 210 -37.68 -18.72 0.52
C THR A 210 -38.85 -19.68 0.52
N ALA A 211 -40.03 -19.19 0.88
CA ALA A 211 -41.24 -20.02 0.92
C ALA A 211 -41.70 -20.44 -0.49
N SER A 212 -41.28 -19.70 -1.51
CA SER A 212 -41.79 -19.92 -2.86
C SER A 212 -41.08 -21.08 -3.58
N VAL A 213 -40.01 -21.58 -2.98
CA VAL A 213 -39.26 -22.67 -3.56
C VAL A 213 -39.01 -23.72 -2.49
N LYS A 214 -38.59 -24.91 -2.91
CA LYS A 214 -38.18 -25.92 -1.96
C LYS A 214 -36.83 -26.50 -2.38
N THR A 215 -36.08 -27.01 -1.39
CA THR A 215 -34.81 -27.67 -1.62
C THR A 215 -35.04 -29.17 -1.81
N VAL A 216 -34.35 -29.79 -2.77
CA VAL A 216 -34.50 -31.21 -2.97
C VAL A 216 -33.45 -31.97 -2.15
N ALA A 217 -33.90 -33.06 -1.52
CA ALA A 217 -33.03 -33.93 -0.74
C ALA A 217 -31.97 -34.56 -1.63
N LEU A 218 -30.72 -34.59 -1.15
CA LEU A 218 -29.62 -35.15 -1.93
C LEU A 218 -28.97 -36.38 -1.30
N ALA A 219 -28.61 -37.36 -2.14
CA ALA A 219 -27.94 -38.56 -1.66
C ALA A 219 -26.78 -38.95 -2.59
N LYS A 220 -25.76 -39.59 -2.00
CA LYS A 220 -24.58 -40.00 -2.75
C LYS A 220 -24.38 -41.51 -2.64
N GLY A 237 -23.00 -33.97 8.29
CA GLY A 237 -21.83 -34.46 7.58
C GLY A 237 -22.18 -35.27 6.34
N THR A 238 -23.47 -35.57 6.18
CA THR A 238 -23.92 -36.43 5.10
C THR A 238 -24.28 -35.61 3.86
N TYR A 239 -24.48 -34.30 4.02
CA TYR A 239 -24.83 -33.47 2.88
C TYR A 239 -23.67 -33.38 1.90
N PRO A 240 -23.89 -33.84 0.66
CA PRO A 240 -22.83 -33.98 -0.35
C PRO A 240 -22.33 -32.65 -0.95
N LEU A 241 -23.01 -31.53 -0.70
CA LEU A 241 -22.54 -30.25 -1.22
C LEU A 241 -22.37 -29.19 -0.13
N SER A 242 -21.81 -29.59 1.00
CA SER A 242 -21.45 -28.64 2.03
C SER A 242 -20.09 -28.06 1.71
N ARG A 243 -19.92 -26.76 1.99
CA ARG A 243 -18.69 -26.05 1.72
C ARG A 243 -18.50 -24.94 2.75
N PHE A 244 -17.23 -24.59 3.03
CA PHE A 244 -16.96 -23.42 3.85
C PHE A 244 -17.16 -22.15 3.00
N LEU A 245 -17.61 -21.09 3.65
CA LEU A 245 -17.64 -19.76 3.06
C LEU A 245 -16.53 -18.95 3.67
N TYR A 246 -15.80 -18.20 2.86
CA TYR A 246 -14.60 -17.50 3.31
C TYR A 246 -14.67 -15.98 3.15
N VAL A 247 -13.85 -15.30 3.94
CA VAL A 247 -13.49 -13.92 3.65
C VAL A 247 -11.96 -13.90 3.58
N TYR A 248 -11.43 -13.62 2.39
CA TYR A 248 -10.00 -13.48 2.20
C TYR A 248 -9.48 -12.12 2.69
N VAL A 249 -8.38 -12.14 3.43
CA VAL A 249 -7.73 -10.92 3.87
C VAL A 249 -6.23 -10.95 3.58
N ASN A 250 -5.65 -9.75 3.57
CA ASN A 250 -4.23 -9.56 3.40
C ASN A 250 -3.55 -9.55 4.77
N LYS A 251 -3.00 -10.70 5.17
CA LYS A 251 -2.29 -10.82 6.43
C LYS A 251 -0.83 -11.19 6.15
N ALA A 252 0.05 -10.25 6.42
CA ALA A 252 1.48 -10.46 6.27
C ALA A 252 2.00 -11.33 7.39
N PRO A 253 2.95 -12.24 7.07
CA PRO A 253 3.57 -13.12 8.06
C PRO A 253 4.17 -12.30 9.20
N ASN A 254 3.88 -12.67 10.44
CA ASN A 254 4.42 -12.00 11.63
C ASN A 254 3.99 -10.52 11.79
N LYS A 255 3.13 -10.02 10.92
CA LYS A 255 2.55 -8.68 11.14
C LYS A 255 1.06 -8.80 11.50
N PRO A 256 0.60 -8.00 12.47
CA PRO A 256 -0.83 -8.05 12.83
C PRO A 256 -1.72 -7.41 11.76
N LEU A 257 -3.00 -7.79 11.72
CA LEU A 257 -3.94 -7.16 10.79
C LEU A 257 -4.14 -5.69 11.16
N ASP A 258 -4.40 -4.85 10.17
CA ASP A 258 -4.77 -3.46 10.47
C ASP A 258 -6.01 -3.53 11.35
N PRO A 259 -6.11 -2.65 12.35
CA PRO A 259 -7.19 -2.70 13.35
C PRO A 259 -8.58 -2.75 12.69
N LEU A 260 -8.72 -2.08 11.56
CA LEU A 260 -9.97 -2.06 10.83
C LEU A 260 -10.42 -3.48 10.43
N GLU A 261 -9.57 -4.21 9.71
CA GLU A 261 -9.91 -5.60 9.41
C GLU A 261 -9.99 -6.45 10.64
N ALA A 262 -9.02 -6.26 11.54
CA ALA A 262 -8.94 -7.07 12.74
C ALA A 262 -10.27 -7.10 13.49
N GLN A 263 -10.79 -5.91 13.76
CA GLN A 263 -11.99 -5.75 14.56
C GLN A 263 -13.19 -6.32 13.82
N PHE A 264 -13.15 -6.22 12.50
CA PHE A 264 -14.25 -6.74 11.70
C PHE A 264 -14.34 -8.24 11.83
N LEU A 265 -13.21 -8.92 11.62
CA LEU A 265 -13.17 -10.36 11.74
C LEU A 265 -13.43 -10.82 13.16
N LYS A 266 -13.02 -10.03 14.16
CA LYS A 266 -13.37 -10.39 15.53
C LYS A 266 -14.89 -10.42 15.68
N LEU A 267 -15.57 -9.43 15.10
CA LEU A 267 -17.02 -9.39 15.14
C LEU A 267 -17.64 -10.60 14.44
N VAL A 268 -17.11 -10.93 13.26
CA VAL A 268 -17.62 -12.03 12.43
C VAL A 268 -17.47 -13.41 13.09
N LEU A 269 -16.33 -13.63 13.71
CA LEU A 269 -16.06 -14.94 14.30
C LEU A 269 -16.58 -15.06 15.75
N SER A 270 -17.24 -14.02 16.25
CA SER A 270 -17.72 -14.06 17.63
C SER A 270 -19.05 -14.78 17.68
N LYS A 271 -19.56 -14.94 18.89
CA LYS A 271 -20.87 -15.54 19.10
C LYS A 271 -21.95 -14.74 18.39
N THR A 272 -21.83 -13.43 18.49
CA THR A 272 -22.77 -12.49 17.87
C THR A 272 -22.73 -12.58 16.35
N GLY A 273 -21.52 -12.64 15.80
CA GLY A 273 -21.33 -12.72 14.36
C GLY A 273 -21.85 -14.05 13.82
N GLN A 274 -21.68 -15.11 14.60
CA GLN A 274 -22.08 -16.42 14.13
C GLN A 274 -23.58 -16.65 14.28
N GLN A 275 -24.24 -15.82 15.07
CA GLN A 275 -25.69 -15.91 15.21
C GLN A 275 -26.32 -15.17 14.02
N VAL A 276 -25.59 -14.21 13.49
CA VAL A 276 -25.99 -13.55 12.26
C VAL A 276 -26.09 -14.58 11.13
N VAL A 277 -25.15 -15.51 11.12
CA VAL A 277 -25.12 -16.59 10.14
C VAL A 277 -26.40 -17.40 10.23
N VAL A 278 -26.74 -17.84 11.44
CA VAL A 278 -27.95 -18.62 11.64
C VAL A 278 -29.19 -17.82 11.21
N LYS A 279 -29.27 -16.56 11.59
CA LYS A 279 -30.46 -15.79 11.28
C LYS A 279 -30.64 -15.64 9.76
N ASP A 280 -29.53 -15.55 9.02
CA ASP A 280 -29.60 -15.43 7.56
C ASP A 280 -29.87 -16.79 6.86
N GLY A 281 -29.88 -17.87 7.63
CA GLY A 281 -30.23 -19.19 7.12
C GLY A 281 -29.07 -20.09 6.74
N TYR A 282 -27.84 -19.63 6.98
CA TYR A 282 -26.69 -20.49 6.75
C TYR A 282 -26.32 -21.26 8.00
N ILE A 283 -25.21 -21.97 7.92
CA ILE A 283 -24.77 -22.85 9.00
C ILE A 283 -23.56 -22.24 9.70
N PRO A 284 -23.64 -22.07 11.01
CA PRO A 284 -22.49 -21.45 11.67
C PRO A 284 -21.25 -22.35 11.66
N LEU A 285 -20.07 -21.75 11.73
CA LEU A 285 -18.85 -22.51 11.85
C LEU A 285 -18.91 -23.41 13.08
N PRO A 286 -18.30 -24.61 12.99
CA PRO A 286 -17.99 -25.38 14.19
C PRO A 286 -17.19 -24.50 15.15
N ALA A 287 -17.57 -24.51 16.43
CA ALA A 287 -16.94 -23.65 17.42
C ALA A 287 -15.42 -23.66 17.35
N LYS A 288 -14.83 -24.84 17.28
CA LYS A 288 -13.37 -24.94 17.21
C LYS A 288 -12.79 -24.22 16.00
N VAL A 289 -13.46 -24.33 14.85
CA VAL A 289 -12.99 -23.68 13.64
C VAL A 289 -12.98 -22.17 13.82
N ALA A 290 -14.01 -21.61 14.45
CA ALA A 290 -13.99 -20.17 14.71
C ALA A 290 -12.83 -19.80 15.67
N GLU A 291 -12.65 -20.58 16.73
CA GLU A 291 -11.54 -20.32 17.69
C GLU A 291 -10.17 -20.35 17.03
N LYS A 292 -9.92 -21.39 16.22
CA LYS A 292 -8.64 -21.52 15.53
C LYS A 292 -8.39 -20.32 14.63
N ALA A 293 -9.44 -19.88 13.93
CA ALA A 293 -9.35 -18.72 13.06
C ALA A 293 -8.96 -17.47 13.83
N ILE A 294 -9.62 -17.25 14.96
CA ILE A 294 -9.25 -16.13 15.84
C ILE A 294 -7.80 -16.23 16.33
N LYS A 295 -7.41 -17.42 16.77
CA LYS A 295 -6.03 -17.66 17.18
C LYS A 295 -5.02 -17.35 16.06
N GLU A 296 -5.21 -17.95 14.94
CA GLU A 296 -4.30 -17.95 13.87
C GLU A 296 -4.10 -16.60 13.26
N LEU A 297 -5.09 -15.77 13.38
CA LEU A 297 -4.99 -14.45 13.00
C LEU A 297 -4.53 -13.50 14.06
N GLY A 298 -4.22 -14.01 15.24
CA GLY A 298 -3.92 -13.26 16.39
C GLY A 298 -4.98 -12.32 16.84
N LEU A 299 -6.18 -12.81 16.99
CA LEU A 299 -7.25 -11.97 17.32
C LEU A 299 -7.57 -12.19 18.71
N GLY B 14 37.61 41.58 15.81
CA GLY B 14 37.29 41.30 14.42
C GLY B 14 38.50 41.42 13.49
N VAL B 15 38.45 42.40 12.60
CA VAL B 15 37.41 43.41 12.68
C VAL B 15 36.28 43.37 11.63
N SER B 16 36.63 43.18 10.36
CA SER B 16 35.68 43.41 9.29
C SER B 16 36.18 43.00 7.90
N GLY B 17 35.30 43.02 6.89
CA GLY B 17 35.66 42.58 5.55
C GLY B 17 34.45 42.18 4.72
N ASN B 18 34.65 41.30 3.75
CA ASN B 18 33.55 40.92 2.88
C ASN B 18 33.32 39.41 2.81
N LEU B 19 32.11 39.00 3.15
CA LEU B 19 31.78 37.58 3.23
C LEU B 19 30.80 37.16 2.14
N SER B 20 31.25 36.25 1.29
CA SER B 20 30.41 35.78 0.20
C SER B 20 30.20 34.27 0.32
N SER B 21 28.94 33.84 0.40
CA SER B 21 28.60 32.43 0.49
C SER B 21 27.91 31.97 -0.78
N VAL B 22 28.33 30.81 -1.30
CA VAL B 22 27.80 30.28 -2.55
C VAL B 22 27.64 28.76 -2.50
N GLY B 23 26.41 28.28 -2.70
CA GLY B 23 26.15 26.86 -2.73
C GLY B 23 24.75 26.39 -2.34
N SER B 24 24.73 25.46 -1.38
CA SER B 24 23.54 24.73 -0.95
C SER B 24 22.31 25.55 -0.60
N ASP B 25 21.19 25.14 -1.17
CA ASP B 25 19.88 25.64 -0.80
C ASP B 25 19.40 25.00 0.49
N THR B 26 19.74 23.74 0.72
CA THR B 26 19.47 23.09 2.00
C THR B 26 19.96 23.95 3.17
N LEU B 27 21.13 24.57 2.99
CA LEU B 27 21.72 25.43 4.01
C LEU B 27 21.38 26.92 3.82
N ALA B 28 20.44 27.25 2.93
CA ALA B 28 20.12 28.65 2.69
C ALA B 28 19.71 29.44 3.94
N ASN B 29 18.73 28.96 4.73
CA ASN B 29 18.30 29.75 5.91
C ASN B 29 19.29 29.68 7.07
N LEU B 30 20.06 28.59 7.17
CA LEU B 30 21.10 28.51 8.20
C LEU B 30 22.17 29.54 7.92
N MET B 31 22.62 29.63 6.67
CA MET B 31 23.64 30.59 6.31
C MET B 31 23.10 32.01 6.48
N THR B 32 21.81 32.21 6.20
CA THR B 32 21.20 33.54 6.29
C THR B 32 21.12 33.97 7.73
N MET B 33 20.66 33.05 8.57
CA MET B 33 20.51 33.35 9.96
C MET B 33 21.86 33.50 10.65
N TRP B 34 22.78 32.58 10.34
CA TRP B 34 24.13 32.68 10.87
C TRP B 34 24.78 34.01 10.53
N ALA B 35 24.59 34.45 9.30
CA ALA B 35 25.18 35.70 8.84
C ALA B 35 24.57 36.88 9.59
N GLU B 36 23.26 36.82 9.82
CA GLU B 36 22.55 37.86 10.55
C GLU B 36 23.09 37.96 11.96
N GLU B 37 23.25 36.81 12.59
CA GLU B 37 23.83 36.76 13.91
C GLU B 37 25.28 37.23 13.84
N TYR B 38 25.96 37.01 12.72
CA TYR B 38 27.32 37.50 12.49
C TYR B 38 27.40 39.02 12.21
N LYS B 39 26.49 39.50 11.37
CA LYS B 39 26.43 40.92 10.99
C LYS B 39 26.15 41.74 12.24
N ARG B 40 25.55 41.07 13.23
CA ARG B 40 25.25 41.68 14.50
C ARG B 40 26.52 42.07 15.26
N LEU B 41 27.55 41.24 15.17
CA LEU B 41 28.75 41.48 15.98
C LEU B 41 29.89 42.14 15.21
N TYR B 42 29.79 42.13 13.89
CA TYR B 42 30.80 42.75 13.06
C TYR B 42 30.13 43.56 11.95
N PRO B 43 29.65 44.76 12.31
CA PRO B 43 28.73 45.54 11.47
C PRO B 43 29.34 46.12 10.19
N ASN B 44 30.65 46.05 10.02
CA ASN B 44 31.25 46.51 8.78
C ASN B 44 31.54 45.36 7.82
N VAL B 45 31.04 44.17 8.16
CA VAL B 45 31.17 43.03 7.28
C VAL B 45 30.00 42.96 6.34
N ASN B 46 30.30 42.86 5.05
CA ASN B 46 29.27 42.71 4.05
C ASN B 46 29.03 41.22 3.80
N ILE B 47 27.75 40.85 3.77
CA ILE B 47 27.39 39.47 3.55
C ILE B 47 26.54 39.32 2.30
N GLN B 48 27.01 38.44 1.42
CA GLN B 48 26.27 38.08 0.23
C GLN B 48 25.97 36.57 0.26
N ILE B 49 24.75 36.18 -0.09
CA ILE B 49 24.39 34.76 -0.06
C ILE B 49 23.68 34.34 -1.35
N GLN B 50 24.25 33.38 -2.06
CA GLN B 50 23.60 32.78 -3.23
C GLN B 50 23.42 31.31 -2.94
N ALA B 51 22.23 30.79 -3.19
CA ALA B 51 21.92 29.43 -2.80
C ALA B 51 21.17 28.69 -3.88
N ALA B 52 21.84 28.46 -5.02
CA ALA B 52 21.26 27.76 -6.15
C ALA B 52 21.58 26.26 -6.13
N GLY B 53 22.38 25.81 -5.17
CA GLY B 53 22.77 24.41 -5.12
C GLY B 53 24.24 24.14 -4.86
N SER B 54 24.53 23.03 -4.16
CA SER B 54 25.86 22.68 -3.67
C SER B 54 26.88 22.70 -4.79
N SER B 55 26.49 22.34 -6.00
CA SER B 55 27.46 22.25 -7.09
C SER B 55 28.07 23.59 -7.47
N THR B 56 27.42 24.70 -7.09
CA THR B 56 27.98 26.02 -7.37
C THR B 56 29.04 26.47 -6.35
N ALA B 57 29.13 25.76 -5.22
CA ALA B 57 30.13 26.11 -4.20
C ALA B 57 31.55 25.90 -4.72
N PRO B 58 31.86 24.71 -5.28
CA PRO B 58 33.29 24.55 -5.60
C PRO B 58 33.84 25.56 -6.63
N PRO B 59 33.15 25.77 -7.78
CA PRO B 59 33.77 26.73 -8.70
C PRO B 59 33.92 28.14 -8.14
N ALA B 60 32.99 28.56 -7.29
CA ALA B 60 33.06 29.88 -6.68
C ALA B 60 34.14 29.98 -5.61
N LEU B 61 34.30 28.95 -4.78
CA LEU B 61 35.43 28.90 -3.85
C LEU B 61 36.78 28.98 -4.56
N THR B 62 36.88 28.18 -5.61
CA THR B 62 38.10 28.00 -6.35
C THR B 62 38.48 29.30 -7.06
N GLU B 63 37.55 29.87 -7.83
CA GLU B 63 37.82 31.14 -8.50
C GLU B 63 38.02 32.27 -7.49
N GLY B 64 37.41 32.15 -6.31
CA GLY B 64 37.62 33.11 -5.25
C GLY B 64 36.47 34.08 -5.05
N THR B 65 35.38 33.89 -5.79
CA THR B 65 34.23 34.78 -5.66
C THR B 65 33.42 34.43 -4.40
N ALA B 66 33.76 33.30 -3.78
CA ALA B 66 33.16 32.90 -2.52
C ALA B 66 34.25 32.60 -1.49
N ASN B 67 34.06 33.04 -0.24
CA ASN B 67 34.91 32.62 0.88
C ASN B 67 34.36 31.37 1.57
N LEU B 68 33.07 31.09 1.33
CA LEU B 68 32.33 30.03 2.03
C LEU B 68 31.55 29.18 1.04
N GLY B 69 31.69 27.87 1.11
CA GLY B 69 31.02 27.02 0.15
C GLY B 69 30.12 25.99 0.81
N PRO B 70 28.93 26.40 1.26
CA PRO B 70 27.92 25.50 1.85
C PRO B 70 27.60 24.35 0.90
N MET B 71 27.75 23.11 1.36
CA MET B 71 27.44 21.94 0.54
C MET B 71 26.77 20.89 1.38
N SER B 72 25.76 20.25 0.81
CA SER B 72 25.03 19.20 1.52
C SER B 72 25.54 17.83 1.07
N ARG B 73 26.70 17.86 0.40
CA ARG B 73 27.46 16.65 0.07
C ARG B 73 28.92 17.04 0.06
N LYS B 74 29.79 16.05 0.15
CA LYS B 74 31.21 16.30 0.01
C LYS B 74 31.53 16.65 -1.44
N MET B 75 32.63 17.37 -1.65
CA MET B 75 33.03 17.66 -3.00
C MET B 75 33.35 16.37 -3.75
N LYS B 76 33.00 16.35 -5.03
CA LYS B 76 33.36 15.24 -5.91
C LYS B 76 34.86 15.28 -6.23
N ASP B 77 35.40 14.17 -6.74
CA ASP B 77 36.82 14.11 -7.03
C ASP B 77 37.28 15.20 -8.01
N VAL B 78 36.54 15.43 -9.08
CA VAL B 78 36.95 16.48 -10.02
C VAL B 78 36.80 17.90 -9.46
N GLU B 79 35.92 18.11 -8.48
CA GLU B 79 35.78 19.42 -7.85
C GLU B 79 37.00 19.69 -6.98
N LEU B 80 37.41 18.67 -6.24
CA LEU B 80 38.61 18.73 -5.41
C LEU B 80 39.87 19.05 -6.22
N GLN B 81 40.04 18.39 -7.36
CA GLN B 81 41.26 18.56 -8.14
C GLN B 81 41.30 19.91 -8.84
N ALA B 82 40.15 20.47 -9.19
CA ALA B 82 40.14 21.83 -9.74
C ALA B 82 40.68 22.82 -8.71
N PHE B 83 40.15 22.76 -7.48
CA PHE B 83 40.62 23.61 -6.39
C PHE B 83 42.10 23.36 -6.08
N GLU B 84 42.48 22.09 -6.01
CA GLU B 84 43.83 21.71 -5.61
C GLU B 84 44.85 22.16 -6.64
N GLN B 85 44.47 22.00 -7.90
CA GLN B 85 45.32 22.45 -8.99
C GLN B 85 45.51 23.98 -8.90
N LYS B 86 44.52 24.70 -8.40
CA LYS B 86 44.71 26.14 -8.30
C LYS B 86 45.56 26.52 -7.09
N TYR B 87 45.32 25.87 -5.95
CA TYR B 87 45.92 26.32 -4.69
C TYR B 87 47.08 25.46 -4.17
N GLY B 88 47.16 24.22 -4.66
CA GLY B 88 48.19 23.30 -4.21
C GLY B 88 47.80 22.44 -3.02
N TYR B 89 46.54 22.52 -2.60
CA TYR B 89 46.05 21.69 -1.50
C TYR B 89 44.54 21.52 -1.62
N LYS B 90 43.95 20.64 -0.81
CA LYS B 90 42.49 20.44 -0.82
C LYS B 90 41.71 21.48 0.02
N PRO B 91 40.49 21.81 -0.40
CA PRO B 91 39.70 22.73 0.41
C PRO B 91 39.22 22.01 1.65
N THR B 92 38.80 22.75 2.66
CA THR B 92 38.51 22.12 3.93
C THR B 92 37.01 22.03 4.21
N ALA B 93 36.52 20.80 4.39
CA ALA B 93 35.11 20.58 4.73
C ALA B 93 34.84 20.71 6.22
N VAL B 94 34.12 21.76 6.61
CA VAL B 94 33.75 21.97 8.00
C VAL B 94 32.31 21.50 8.25
N PRO B 95 32.11 20.46 9.09
CA PRO B 95 30.73 20.03 9.34
C PRO B 95 30.01 21.05 10.19
N VAL B 96 28.80 21.46 9.80
CA VAL B 96 28.11 22.51 10.52
C VAL B 96 26.71 22.14 11.02
N ALA B 97 26.17 21.03 10.53
CA ALA B 97 24.86 20.52 10.95
C ALA B 97 24.70 19.09 10.49
N VAL B 98 23.59 18.49 10.90
CA VAL B 98 23.24 17.15 10.46
C VAL B 98 21.84 17.21 9.87
N ASP B 99 21.66 16.51 8.76
CA ASP B 99 20.38 16.38 8.11
C ASP B 99 19.94 14.91 8.11
N ALA B 100 18.68 14.67 8.44
CA ALA B 100 18.06 13.39 8.20
C ALA B 100 17.24 13.52 6.93
N LEU B 101 17.88 13.34 5.78
CA LEU B 101 17.23 13.57 4.47
C LEU B 101 15.91 12.86 4.40
N ALA B 102 14.86 13.64 4.17
CA ALA B 102 13.49 13.21 4.41
C ALA B 102 12.79 12.85 3.13
N ILE B 103 11.88 11.89 3.23
CA ILE B 103 10.90 11.61 2.20
C ILE B 103 9.62 12.26 2.67
N PHE B 104 9.08 13.19 1.89
CA PHE B 104 7.87 13.90 2.29
C PHE B 104 6.64 13.46 1.49
N VAL B 105 5.52 13.28 2.19
CA VAL B 105 4.23 13.06 1.53
C VAL B 105 3.21 14.02 2.11
N HIS B 106 2.10 14.20 1.39
CA HIS B 106 0.99 15.01 1.86
C HIS B 106 0.59 14.58 3.27
N LYS B 107 0.18 15.53 4.12
CA LYS B 107 -0.13 15.22 5.51
C LYS B 107 -1.30 14.20 5.64
N ASP B 108 -2.17 14.15 4.65
CA ASP B 108 -3.31 13.23 4.69
C ASP B 108 -2.95 11.89 4.03
N ASN B 109 -1.73 11.75 3.55
CA ASN B 109 -1.29 10.46 2.99
C ASN B 109 -1.15 9.44 4.13
N PRO B 110 -1.86 8.30 4.04
CA PRO B 110 -1.81 7.33 5.13
C PRO B 110 -0.63 6.36 5.11
N ILE B 111 0.37 6.57 4.26
CA ILE B 111 1.49 5.61 4.14
C ILE B 111 2.22 5.41 5.48
N LYS B 112 2.48 4.15 5.83
CA LYS B 112 3.06 3.80 7.13
C LYS B 112 4.56 4.06 7.17
N GLY B 113 5.26 3.56 6.15
CA GLY B 113 6.70 3.72 6.04
C GLY B 113 7.11 3.15 4.69
N LEU B 114 8.39 3.21 4.36
CA LEU B 114 8.88 2.66 3.11
C LEU B 114 10.19 1.93 3.37
N THR B 115 10.52 0.94 2.55
CA THR B 115 11.86 0.36 2.56
C THR B 115 12.71 1.16 1.57
N MET B 116 14.04 1.10 1.71
CA MET B 116 14.90 1.79 0.76
C MET B 116 14.69 1.27 -0.65
N GLN B 117 14.51 -0.03 -0.78
CA GLN B 117 14.17 -0.63 -2.05
C GLN B 117 12.93 0.04 -2.65
N GLN B 118 11.89 0.27 -1.84
CA GLN B 118 10.68 0.92 -2.33
C GLN B 118 10.98 2.35 -2.76
N VAL B 119 11.76 3.08 -1.94
CA VAL B 119 12.18 4.44 -2.25
C VAL B 119 12.86 4.50 -3.62
N ASP B 120 13.81 3.60 -3.84
CA ASP B 120 14.45 3.43 -5.14
C ASP B 120 13.39 3.13 -6.23
N ALA B 121 12.44 2.24 -5.94
CA ALA B 121 11.39 1.91 -6.92
C ALA B 121 10.52 3.10 -7.31
N ILE B 122 10.29 3.99 -6.36
CA ILE B 122 9.43 5.15 -6.55
C ILE B 122 10.11 6.18 -7.43
N PHE B 123 11.36 6.49 -7.11
CA PHE B 123 12.03 7.61 -7.76
C PHE B 123 12.92 7.24 -8.94
N SER B 124 13.28 5.96 -9.10
CA SER B 124 14.34 5.65 -10.07
C SER B 124 13.83 5.01 -11.34
N ALA B 125 14.65 5.13 -12.39
CA ALA B 125 14.35 4.61 -13.70
C ALA B 125 14.53 3.09 -13.82
N THR B 126 15.59 2.55 -13.23
CA THR B 126 15.98 1.17 -13.46
C THR B 126 16.24 0.37 -12.17
N ARG B 127 15.84 0.95 -11.04
CA ARG B 127 15.94 0.34 -9.71
C ARG B 127 17.21 -0.48 -9.44
N LEU B 128 18.37 0.16 -9.49
CA LEU B 128 19.61 -0.53 -9.24
C LEU B 128 19.74 -1.13 -7.83
N CYS B 129 18.90 -0.70 -6.89
CA CYS B 129 19.00 -1.22 -5.54
C CYS B 129 18.40 -2.62 -5.40
N GLY B 130 17.80 -3.12 -6.48
CA GLY B 130 17.40 -4.52 -6.54
C GLY B 130 15.92 -4.90 -6.69
N SER B 131 15.02 -4.01 -6.30
CA SER B 131 13.58 -4.30 -6.30
C SER B 131 13.03 -4.51 -7.71
N LYS B 132 11.97 -5.32 -7.83
CA LYS B 132 11.41 -5.60 -9.14
C LYS B 132 10.02 -5.02 -9.35
N GLN B 133 9.53 -4.24 -8.38
CA GLN B 133 8.30 -3.46 -8.50
C GLN B 133 8.52 -2.21 -9.35
N ASP B 134 7.81 -2.07 -10.46
CA ASP B 134 7.76 -0.75 -11.06
C ASP B 134 6.64 0.00 -10.38
N VAL B 135 6.98 0.81 -9.38
CA VAL B 135 6.00 1.62 -8.67
C VAL B 135 5.44 2.73 -9.53
N LYS B 136 4.14 2.69 -9.76
CA LYS B 136 3.43 3.75 -10.48
C LYS B 136 2.23 4.26 -9.70
N THR B 137 1.66 3.42 -8.84
CA THR B 137 0.50 3.83 -8.06
C THR B 137 0.75 3.66 -6.57
N TRP B 138 -0.04 4.33 -5.74
CA TRP B 138 0.10 4.15 -4.30
C TRP B 138 -0.35 2.75 -3.89
N GLY B 139 -1.15 2.10 -4.72
CA GLY B 139 -1.44 0.70 -4.52
C GLY B 139 -0.20 -0.17 -4.69
N ASP B 140 0.69 0.19 -5.61
CA ASP B 140 1.97 -0.50 -5.75
C ASP B 140 2.79 -0.43 -4.45
N LEU B 141 2.41 0.49 -3.57
CA LEU B 141 3.11 0.64 -2.31
C LEU B 141 2.31 0.00 -1.16
N GLY B 142 1.17 -0.58 -1.50
CA GLY B 142 0.36 -1.27 -0.52
C GLY B 142 -0.77 -0.42 0.05
N LEU B 143 -1.01 0.77 -0.50
CA LEU B 143 -2.14 1.56 -0.01
C LEU B 143 -3.43 1.03 -0.64
N THR B 144 -4.54 1.18 0.08
CA THR B 144 -5.80 0.57 -0.28
C THR B 144 -6.92 1.58 -0.47
N GLY B 145 -8.11 1.10 -0.85
CA GLY B 145 -9.26 1.96 -1.06
C GLY B 145 -9.02 2.89 -2.23
N ASP B 146 -9.39 4.16 -2.07
CA ASP B 146 -9.22 5.14 -3.13
C ASP B 146 -7.74 5.43 -3.46
N TRP B 147 -6.83 4.98 -2.58
CA TRP B 147 -5.39 5.20 -2.82
C TRP B 147 -4.81 4.17 -3.78
N ALA B 148 -5.52 3.05 -3.95
CA ALA B 148 -4.98 1.90 -4.68
C ALA B 148 -4.61 2.25 -6.10
N LYS B 149 -5.39 3.12 -6.74
CA LYS B 149 -5.05 3.38 -8.12
C LYS B 149 -4.71 4.84 -8.35
N LYS B 150 -4.37 5.53 -7.27
CA LYS B 150 -3.82 6.87 -7.36
C LYS B 150 -2.40 6.90 -7.90
N PRO B 151 -2.17 7.68 -8.95
CA PRO B 151 -0.83 7.77 -9.50
C PRO B 151 0.12 8.40 -8.49
N VAL B 152 1.36 7.93 -8.46
CA VAL B 152 2.36 8.58 -7.64
C VAL B 152 3.02 9.73 -8.39
N GLN B 153 2.81 10.94 -7.89
CA GLN B 153 3.42 12.14 -8.46
C GLN B 153 4.73 12.53 -7.76
N LEU B 154 5.81 12.67 -8.54
CA LEU B 154 7.16 12.87 -8.03
C LEU B 154 7.68 14.32 -8.09
N PHE B 155 8.25 14.79 -6.99
CA PHE B 155 8.91 16.10 -6.99
C PHE B 155 10.32 15.96 -6.45
N GLY B 156 11.28 16.61 -7.11
CA GLY B 156 12.67 16.56 -6.71
C GLY B 156 13.47 17.83 -6.99
N ARG B 157 14.78 17.75 -6.77
CA ARG B 157 15.69 18.87 -7.02
C ARG B 157 16.28 18.76 -8.43
N ASN B 158 17.06 19.74 -8.88
CA ASN B 158 17.78 19.61 -10.14
C ASN B 158 19.22 19.11 -9.94
N SER B 159 19.99 19.00 -11.01
CA SER B 159 21.28 18.32 -10.90
C SER B 159 22.37 19.19 -10.26
N VAL B 160 22.08 20.47 -10.04
CA VAL B 160 22.99 21.39 -9.37
C VAL B 160 22.91 21.14 -7.87
N SER B 161 21.83 20.52 -7.44
CA SER B 161 21.60 20.22 -6.02
C SER B 161 22.52 19.10 -5.48
N GLY B 162 23.13 19.34 -4.32
CA GLY B 162 23.88 18.28 -3.65
C GLY B 162 22.98 17.18 -3.11
N THR B 163 21.76 17.55 -2.71
CA THR B 163 20.76 16.58 -2.26
C THR B 163 20.40 15.63 -3.39
N TYR B 164 20.28 16.18 -4.59
CA TYR B 164 20.07 15.40 -5.79
C TYR B 164 21.14 14.33 -5.96
N GLY B 165 22.39 14.76 -5.87
CA GLY B 165 23.54 13.90 -6.05
C GLY B 165 23.63 12.87 -4.96
N TYR B 166 23.54 13.32 -3.71
CA TYR B 166 23.49 12.42 -2.57
C TYR B 166 22.33 11.42 -2.70
N PHE B 167 21.13 11.92 -2.95
CA PHE B 167 19.98 11.02 -3.06
C PHE B 167 20.22 9.97 -4.15
N LYS B 168 20.84 10.39 -5.26
CA LYS B 168 21.10 9.50 -6.37
C LYS B 168 22.10 8.41 -5.97
N GLU B 169 23.15 8.80 -5.25
CA GLU B 169 24.18 7.85 -4.82
C GLU B 169 23.66 6.85 -3.78
N GLU B 170 22.97 7.35 -2.76
CA GLU B 170 22.58 6.50 -1.65
C GLU B 170 21.19 5.86 -1.78
N ALA B 171 20.19 6.61 -2.22
CA ALA B 171 18.84 6.09 -2.33
C ALA B 171 18.54 5.39 -3.68
N LEU B 172 19.28 5.74 -4.73
CA LEU B 172 19.05 5.13 -6.03
C LEU B 172 20.19 4.19 -6.42
N CYS B 173 21.14 3.99 -5.51
CA CYS B 173 22.33 3.17 -5.75
C CYS B 173 22.97 3.51 -7.11
N LYS B 174 23.20 4.80 -7.30
CA LYS B 174 23.83 5.38 -8.50
C LYS B 174 22.98 5.30 -9.75
N GLY B 175 21.71 4.95 -9.63
CA GLY B 175 20.84 4.88 -10.80
C GLY B 175 20.38 6.24 -11.27
N ASP B 176 19.45 6.26 -12.23
CA ASP B 176 18.91 7.53 -12.68
C ASP B 176 17.51 7.73 -12.14
N PHE B 177 17.15 8.99 -11.95
CA PHE B 177 15.81 9.37 -11.56
C PHE B 177 14.87 8.99 -12.72
N ARG B 178 13.65 8.55 -12.40
CA ARG B 178 12.58 8.47 -13.39
C ARG B 178 12.41 9.72 -14.21
N PRO B 179 12.01 9.56 -15.47
CA PRO B 179 11.76 10.72 -16.34
C PRO B 179 10.62 11.63 -15.85
N ASN B 180 9.64 11.13 -15.09
CA ASN B 180 8.52 12.02 -14.74
C ASN B 180 8.71 12.81 -13.43
N VAL B 181 9.93 12.91 -12.89
CA VAL B 181 10.15 13.73 -11.71
C VAL B 181 10.02 15.20 -12.07
N ASN B 182 9.17 15.91 -11.33
CA ASN B 182 9.07 17.35 -11.44
C ASN B 182 10.16 18.03 -10.62
N GLU B 183 11.24 18.41 -11.32
CA GLU B 183 12.37 19.05 -10.67
C GLU B 183 12.02 20.48 -10.28
N GLN B 184 12.34 20.81 -9.02
CA GLN B 184 12.08 22.09 -8.38
C GLN B 184 13.37 22.92 -8.27
N PRO B 185 13.27 24.25 -8.16
CA PRO B 185 14.52 25.03 -8.13
C PRO B 185 15.18 25.04 -6.76
N GLY B 186 14.45 24.62 -5.74
CA GLY B 186 14.97 24.58 -4.39
C GLY B 186 14.13 23.62 -3.54
N SER B 187 14.49 23.43 -2.27
CA SER B 187 13.79 22.46 -1.42
C SER B 187 12.41 22.95 -0.98
N ALA B 188 12.28 24.26 -0.79
CA ALA B 188 11.00 24.80 -0.38
C ALA B 188 9.93 24.44 -1.41
N SER B 189 10.27 24.54 -2.70
CA SER B 189 9.35 24.16 -3.78
C SER B 189 8.96 22.71 -3.75
N VAL B 190 9.88 21.83 -3.33
CA VAL B 190 9.55 20.40 -3.25
C VAL B 190 8.46 20.16 -2.22
N VAL B 191 8.64 20.72 -1.04
CA VAL B 191 7.71 20.57 0.07
C VAL B 191 6.37 21.28 -0.23
N GLN B 192 6.44 22.48 -0.80
CA GLN B 192 5.22 23.18 -1.21
C GLN B 192 4.45 22.35 -2.27
N SER B 193 5.18 21.79 -3.23
CA SER B 193 4.59 20.89 -4.22
C SER B 193 3.85 19.72 -3.57
N VAL B 194 4.53 19.05 -2.64
CA VAL B 194 3.95 17.92 -1.93
C VAL B 194 2.75 18.35 -1.11
N SER B 195 2.83 19.51 -0.46
CA SER B 195 1.70 20.00 0.34
C SER B 195 0.46 20.33 -0.53
N GLN B 196 0.64 20.58 -1.83
CA GLN B 196 -0.51 20.95 -2.68
C GLN B 196 -1.03 19.78 -3.52
N SER B 197 -0.41 18.61 -3.37
CA SER B 197 -0.82 17.45 -4.15
C SER B 197 -0.91 16.23 -3.26
N LEU B 198 -2.15 15.80 -2.99
CA LEU B 198 -2.45 14.64 -2.13
C LEU B 198 -1.68 13.39 -2.52
N ASN B 199 -1.51 13.18 -3.82
CA ASN B 199 -0.85 11.99 -4.33
C ASN B 199 0.67 12.20 -4.61
N GLY B 200 1.23 13.25 -4.02
CA GLY B 200 2.62 13.63 -4.29
C GLY B 200 3.65 13.08 -3.31
N ILE B 201 4.90 12.99 -3.74
CA ILE B 201 5.98 12.58 -2.84
C ILE B 201 7.27 13.26 -3.27
N GLY B 202 8.10 13.61 -2.29
CA GLY B 202 9.35 14.30 -2.57
C GLY B 202 10.43 14.01 -1.54
N TYR B 203 11.67 14.38 -1.88
CA TYR B 203 12.78 14.29 -0.94
C TYR B 203 13.34 15.69 -0.68
N SER B 204 13.83 15.94 0.53
CA SER B 204 14.53 17.20 0.84
C SER B 204 14.97 17.15 2.29
N GLY B 205 15.84 18.09 2.68
CA GLY B 205 16.27 18.19 4.06
C GLY B 205 15.14 18.24 5.05
N ILE B 206 15.37 17.68 6.23
CA ILE B 206 14.36 17.60 7.27
C ILE B 206 13.94 18.99 7.70
N GLY B 207 14.85 19.97 7.61
CA GLY B 207 14.54 21.33 8.03
C GLY B 207 13.41 22.00 7.26
N TYR B 208 13.07 21.44 6.11
CA TYR B 208 12.00 22.02 5.28
C TYR B 208 10.61 21.47 5.63
N LYS B 209 10.55 20.65 6.67
CA LYS B 209 9.28 20.10 7.15
C LYS B 209 8.32 21.21 7.57
N THR B 210 7.04 21.05 7.25
CA THR B 210 5.99 21.96 7.69
C THR B 210 4.80 21.17 8.16
N ALA B 211 3.78 21.87 8.67
CA ALA B 211 2.58 21.20 9.17
C ALA B 211 1.78 20.55 8.04
N SER B 212 1.98 21.01 6.81
CA SER B 212 1.21 20.54 5.65
C SER B 212 1.71 19.24 5.03
N VAL B 213 2.86 18.77 5.50
CA VAL B 213 3.45 17.54 4.97
C VAL B 213 3.89 16.65 6.11
N LYS B 214 4.15 15.37 5.83
CA LYS B 214 4.74 14.53 6.85
C LYS B 214 5.88 13.66 6.32
N THR B 215 6.78 13.30 7.23
CA THR B 215 7.90 12.46 6.83
C THR B 215 7.50 11.00 6.91
N VAL B 216 7.97 10.24 5.94
CA VAL B 216 7.74 8.81 5.89
C VAL B 216 8.88 8.06 6.59
N ALA B 217 8.52 7.10 7.43
CA ALA B 217 9.51 6.26 8.10
C ALA B 217 10.27 5.41 7.09
N LEU B 218 11.59 5.38 7.24
CA LEU B 218 12.41 4.60 6.33
C LEU B 218 13.07 3.47 7.09
N ALA B 219 13.16 2.33 6.44
CA ALA B 219 13.80 1.15 7.02
C ALA B 219 14.66 0.52 5.95
N LYS B 220 15.77 -0.09 6.35
CA LYS B 220 16.70 -0.70 5.41
C LYS B 220 16.86 -2.20 5.63
N LYS B 221 17.05 -2.90 4.51
CA LYS B 221 17.35 -4.34 4.50
C LYS B 221 16.18 -5.16 5.04
N GLY B 237 21.64 5.47 14.67
CA GLY B 237 22.60 5.37 13.59
C GLY B 237 22.06 4.64 12.37
N THR B 238 20.86 4.06 12.51
CA THR B 238 20.32 3.19 11.47
C THR B 238 19.49 3.95 10.40
N TYR B 239 19.18 5.23 10.62
CA TYR B 239 18.46 5.99 9.59
C TYR B 239 19.32 6.04 8.36
N PRO B 240 18.81 5.50 7.25
CA PRO B 240 19.56 5.25 6.02
C PRO B 240 19.97 6.49 5.21
N LEU B 241 19.44 7.68 5.52
CA LEU B 241 19.82 8.85 4.74
C LEU B 241 20.27 9.99 5.63
N SER B 242 21.03 9.66 6.67
CA SER B 242 21.64 10.67 7.51
C SER B 242 22.94 11.16 6.88
N ARG B 243 23.17 12.46 6.92
CA ARG B 243 24.34 13.06 6.31
C ARG B 243 24.75 14.33 7.04
N PHE B 244 26.04 14.65 6.98
CA PHE B 244 26.53 15.92 7.45
C PHE B 244 26.22 17.03 6.44
N LEU B 245 26.02 18.24 6.94
CA LEU B 245 25.96 19.43 6.10
C LEU B 245 27.28 20.18 6.27
N TYR B 246 27.84 20.67 5.18
CA TYR B 246 29.18 21.24 5.25
C TYR B 246 29.25 22.71 4.86
N VAL B 247 30.28 23.39 5.36
CA VAL B 247 30.73 24.65 4.78
C VAL B 247 32.20 24.48 4.40
N TYR B 248 32.48 24.52 3.11
CA TYR B 248 33.84 24.43 2.62
C TYR B 248 34.52 25.78 2.77
N VAL B 249 35.76 25.79 3.24
CA VAL B 249 36.56 27.01 3.29
C VAL B 249 37.97 26.74 2.74
N ASN B 250 38.65 27.82 2.39
CA ASN B 250 40.03 27.76 1.91
C ASN B 250 40.98 27.97 3.07
N LYS B 251 41.50 26.86 3.56
CA LYS B 251 42.43 26.85 4.67
C LYS B 251 43.76 26.27 4.18
N ALA B 252 44.79 27.09 4.09
CA ALA B 252 46.09 26.62 3.66
C ALA B 252 46.65 25.75 4.77
N PRO B 253 47.33 24.65 4.40
CA PRO B 253 47.86 23.75 5.43
C PRO B 253 48.77 24.44 6.43
N ASN B 254 48.47 24.21 7.72
CA ASN B 254 49.21 24.71 8.87
C ASN B 254 49.13 26.22 9.05
N LYS B 255 48.30 26.86 8.24
CA LYS B 255 48.08 28.29 8.35
C LYS B 255 46.77 28.60 9.07
N PRO B 256 46.79 29.59 10.00
CA PRO B 256 45.51 29.88 10.63
C PRO B 256 44.53 30.55 9.67
N LEU B 257 43.26 30.36 9.98
CA LEU B 257 42.18 30.87 9.16
C LEU B 257 42.22 32.40 9.17
N ASP B 258 41.86 32.99 8.04
CA ASP B 258 41.69 34.43 7.96
C ASP B 258 40.62 34.83 8.97
N PRO B 259 40.81 35.97 9.65
CA PRO B 259 39.93 36.34 10.78
C PRO B 259 38.43 36.36 10.44
N LEU B 260 38.10 36.80 9.23
CA LEU B 260 36.72 36.89 8.79
C LEU B 260 36.03 35.53 8.81
N GLU B 261 36.60 34.58 8.09
CA GLU B 261 36.12 33.20 8.08
C GLU B 261 36.27 32.57 9.47
N ALA B 262 37.38 32.87 10.13
CA ALA B 262 37.65 32.32 11.45
C ALA B 262 36.48 32.59 12.39
N GLN B 263 36.10 33.86 12.46
CA GLN B 263 35.05 34.28 13.38
C GLN B 263 33.67 33.76 12.96
N PHE B 264 33.45 33.60 11.66
CA PHE B 264 32.19 33.06 11.18
C PHE B 264 32.02 31.61 11.63
N LEU B 265 33.03 30.77 11.35
CA LEU B 265 32.97 29.37 11.73
C LEU B 265 32.96 29.18 13.26
N LYS B 266 33.62 30.08 13.98
CA LYS B 266 33.55 30.01 15.44
C LYS B 266 32.09 30.21 15.90
N LEU B 267 31.40 31.17 15.30
CA LEU B 267 30.01 31.43 15.61
C LEU B 267 29.16 30.21 15.29
N VAL B 268 29.42 29.58 14.16
CA VAL B 268 28.64 28.43 13.72
C VAL B 268 28.77 27.22 14.63
N LEU B 269 29.99 26.89 15.04
CA LEU B 269 30.21 25.66 15.78
C LEU B 269 30.02 25.82 17.28
N SER B 270 29.65 27.02 17.72
CA SER B 270 29.42 27.30 19.13
C SER B 270 27.99 26.92 19.56
N LYS B 271 27.68 27.08 20.84
CA LYS B 271 26.33 26.79 21.34
C LYS B 271 25.33 27.69 20.64
N THR B 272 25.72 28.94 20.40
CA THR B 272 24.84 29.91 19.75
C THR B 272 24.51 29.52 18.30
N GLY B 273 25.53 29.08 17.56
CA GLY B 273 25.33 28.68 16.17
C GLY B 273 24.53 27.40 16.02
N GLN B 274 24.76 26.46 16.94
CA GLN B 274 24.10 25.16 16.85
C GLN B 274 22.64 25.23 17.31
N GLN B 275 22.27 26.31 18.00
CA GLN B 275 20.87 26.51 18.34
C GLN B 275 20.14 27.09 17.14
N VAL B 276 20.87 27.82 16.31
CA VAL B 276 20.31 28.30 15.05
C VAL B 276 19.92 27.08 14.22
N VAL B 277 20.75 26.03 14.30
CA VAL B 277 20.48 24.75 13.63
C VAL B 277 19.15 24.14 14.09
N VAL B 278 18.98 24.00 15.40
CA VAL B 278 17.75 23.44 15.96
C VAL B 278 16.58 24.27 15.53
N LYS B 279 16.76 25.59 15.60
CA LYS B 279 15.67 26.49 15.24
C LYS B 279 15.21 26.32 13.78
N ASP B 280 16.13 26.09 12.85
CA ASP B 280 15.76 25.97 11.45
C ASP B 280 15.15 24.58 11.18
N GLY B 281 15.20 23.71 12.20
CA GLY B 281 14.59 22.40 12.10
C GLY B 281 15.55 21.29 11.73
N TYR B 282 16.86 21.59 11.72
CA TYR B 282 17.87 20.55 11.50
C TYR B 282 18.41 19.96 12.79
N ILE B 283 19.40 19.09 12.65
CA ILE B 283 19.98 18.34 13.76
C ILE B 283 21.36 18.92 14.12
N PRO B 284 21.55 19.33 15.39
CA PRO B 284 22.84 19.94 15.78
C PRO B 284 23.96 18.93 15.69
N LEU B 285 25.20 19.38 15.52
CA LEU B 285 26.32 18.44 15.53
C LEU B 285 26.40 17.67 16.83
N PRO B 286 26.77 16.38 16.77
CA PRO B 286 27.16 15.75 18.02
C PRO B 286 28.26 16.61 18.64
N ALA B 287 28.11 16.94 19.91
CA ALA B 287 28.99 17.87 20.61
C ALA B 287 30.46 17.60 20.30
N LYS B 288 30.84 16.32 20.28
CA LYS B 288 32.22 15.92 19.96
C LYS B 288 32.69 16.35 18.59
N VAL B 289 31.82 16.18 17.60
CA VAL B 289 32.14 16.50 16.22
C VAL B 289 32.45 17.98 16.08
N ALA B 290 31.68 18.80 16.78
CA ALA B 290 31.93 20.23 16.80
C ALA B 290 33.30 20.54 17.42
N GLU B 291 33.61 19.88 18.53
CA GLU B 291 34.88 20.09 19.22
C GLU B 291 36.06 19.78 18.32
N LYS B 292 35.99 18.64 17.64
CA LYS B 292 37.05 18.24 16.72
C LYS B 292 37.25 19.25 15.59
N ALA B 293 36.14 19.77 15.08
CA ALA B 293 36.16 20.77 14.03
C ALA B 293 36.85 22.02 14.53
N ILE B 294 36.47 22.45 15.74
CA ILE B 294 37.10 23.59 16.39
C ILE B 294 38.61 23.38 16.52
N LYS B 295 38.99 22.20 17.00
CA LYS B 295 40.39 21.80 17.10
C LYS B 295 41.10 21.84 15.76
N GLU B 296 40.57 21.36 14.70
CA GLU B 296 41.33 21.24 13.55
C GLU B 296 41.54 22.45 12.74
N LEU B 297 40.70 23.41 12.90
CA LEU B 297 40.82 24.63 12.25
C LEU B 297 41.57 25.66 13.03
N GLY B 298 42.07 25.29 14.20
CA GLY B 298 42.62 26.15 15.19
C GLY B 298 41.75 27.29 15.64
N LEU B 299 40.56 27.06 16.17
CA LEU B 299 39.68 28.14 16.50
C LEU B 299 39.44 28.18 17.93
P PO4 C . -20.82 -16.40 -5.24
O1 PO4 C . -20.78 -16.67 -3.75
O2 PO4 C . -19.44 -16.07 -5.77
O3 PO4 C . -21.37 -17.61 -5.92
O4 PO4 C . -21.71 -15.19 -5.45
P PO4 D . 21.41 21.42 -2.06
O1 PO4 D . 21.78 21.40 -0.58
O2 PO4 D . 22.69 21.49 -2.88
O3 PO4 D . 20.67 20.17 -2.48
O4 PO4 D . 20.56 22.63 -2.32
#